data_3WEJ
#
_entry.id   3WEJ
#
_cell.length_a   35.714
_cell.length_b   94.503
_cell.length_c   105.314
_cell.angle_alpha   90.00
_cell.angle_beta   90.00
_cell.angle_gamma   90.00
#
_symmetry.space_group_name_H-M   'P 21 21 21'
#
loop_
_entity.id
_entity.type
_entity.pdbx_description
1 polymer 'Squalene synthase'
2 non-polymer 'MAGNESIUM ION'
3 non-polymer '{(1R,2R,3R)-2-[(3E)-4,8-dimethylnona-3,7-dien-1-yl]-2-methyl-3-[(1E,5E)-2,6,10-trimethylundeca-1,5,9-trien-1-yl]cyclopropyl}methyl trihydrogen diphosphate'
4 water water
#
_entity_poly.entity_id   1
_entity_poly.type   'polypeptide(L)'
_entity_poly.pdbx_seq_one_letter_code
;GSHMDQDSLSSSLKTCYKYLNQTSRSFAAVIQALDGEMRNAVCIFYLVLRALDTLEDDMTISVEKKVPLLHNFHSFLYQP
DWRFMESKEKDRQVLEDFPTISLEFRNLAEKYQTVIADICRRMGIGMAEFLDKHVTSEQEWDKYCHYVAGLVGIGLSRLF
SASEFEDPLVGEDTERANSMGLFLQKTNIIRDYLEDQQGGREFWPQEVWSRYVKKLGDFAKPENIDLAVQCLNELITNAL
HHIPDVITYLSRLRNQSVFNACAIPQVMAIATLAACYNNQQVFKGAVKIRKGQAVTLMMDATNMPAVKAIIYQYMEEIYH
RIPDSDPSSSKTRQIISTIRTQN
;
_entity_poly.pdbx_strand_id   A
#
loop_
_chem_comp.id
_chem_comp.type
_chem_comp.name
_chem_comp.formula
MG non-polymer 'MAGNESIUM ION' 'Mg 2'
PS7 non-polymer '{(1R,2R,3R)-2-[(3E)-4,8-dimethylnona-3,7-dien-1-yl]-2-methyl-3-[(1E,5E)-2,6,10-trimethylundeca-1,5,9-trien-1-yl]cyclopropyl}methyl trihydrogen diphosphate' 'C30 H52 O7 P2'
#
# COMPACT_ATOMS: atom_id res chain seq x y z
N SER A 8 -9.18 12.80 -29.01
CA SER A 8 -8.66 11.48 -28.56
C SER A 8 -7.24 11.63 -28.02
N LEU A 9 -6.94 10.86 -27.00
CA LEU A 9 -5.63 10.88 -26.36
C LEU A 9 -4.53 10.52 -27.36
N SER A 10 -3.31 10.95 -27.06
CA SER A 10 -2.13 10.49 -27.81
C SER A 10 -2.03 8.97 -27.69
N SER A 11 -1.39 8.35 -28.68
CA SER A 11 -1.22 6.90 -28.70
C SER A 11 -0.35 6.41 -27.56
N SER A 12 0.65 7.19 -27.18
CA SER A 12 1.49 6.83 -26.05
C SER A 12 0.70 6.81 -24.74
N LEU A 13 -0.23 7.76 -24.57
CA LEU A 13 -1.01 7.88 -23.34
C LEU A 13 -2.04 6.76 -23.29
N LYS A 14 -2.67 6.51 -24.44
CA LYS A 14 -3.53 5.35 -24.55
C LYS A 14 -2.80 4.11 -24.02
N THR A 15 -1.52 3.98 -24.35
CA THR A 15 -0.72 2.79 -24.04
C THR A 15 -0.51 2.75 -22.53
N CYS A 16 -0.21 3.91 -21.97
CA CYS A 16 -0.10 4.03 -20.52
C CYS A 16 -1.35 3.55 -19.78
N TYR A 17 -2.53 3.99 -20.21
CA TYR A 17 -3.77 3.54 -19.58
C TYR A 17 -4.00 2.04 -19.79
N LYS A 18 -3.62 1.54 -20.96
CA LYS A 18 -3.60 0.09 -21.17
C LYS A 18 -2.75 -0.67 -20.15
N TYR A 19 -1.56 -0.16 -19.85
CA TYR A 19 -0.70 -0.80 -18.86
C TYR A 19 -1.28 -0.68 -17.45
N LEU A 20 -2.01 0.41 -17.21
CA LEU A 20 -2.62 0.62 -15.89
C LEU A 20 -3.68 -0.45 -15.63
N ASN A 21 -4.53 -0.67 -16.62
CA ASN A 21 -5.61 -1.66 -16.55
C ASN A 21 -5.11 -3.12 -16.50
N GLN A 22 -4.03 -3.39 -17.23
CA GLN A 22 -3.32 -4.67 -17.22
C GLN A 22 -2.76 -4.97 -15.83
N THR A 23 -2.15 -3.97 -15.20
CA THR A 23 -1.32 -4.24 -14.02
C THR A 23 -1.94 -3.94 -12.66
N SER A 24 -2.90 -3.03 -12.59
CA SER A 24 -3.53 -2.68 -11.33
C SER A 24 -4.98 -3.11 -11.17
N ARG A 25 -5.20 -4.13 -10.35
CA ARG A 25 -6.56 -4.58 -10.01
C ARG A 25 -7.27 -3.58 -9.11
N SER A 26 -6.58 -3.10 -8.09
CA SER A 26 -7.18 -2.29 -7.04
C SER A 26 -7.43 -0.85 -7.45
N PHE A 27 -6.60 -0.30 -8.34
CA PHE A 27 -6.52 1.14 -8.49
C PHE A 27 -6.95 1.72 -9.85
N ALA A 28 -7.01 0.89 -10.87
CA ALA A 28 -7.33 1.34 -12.23
C ALA A 28 -8.62 2.17 -12.34
N ALA A 29 -9.73 1.66 -11.80
CA ALA A 29 -11.01 2.38 -11.83
C ALA A 29 -10.96 3.72 -11.10
N VAL A 30 -10.57 3.71 -9.83
CA VAL A 30 -10.54 4.98 -9.13
C VAL A 30 -9.60 5.99 -9.78
N ILE A 31 -8.47 5.53 -10.31
CA ILE A 31 -7.54 6.46 -10.97
C ILE A 31 -8.17 7.03 -12.23
N GLN A 32 -8.81 6.17 -13.01
CA GLN A 32 -9.41 6.60 -14.27
C GLN A 32 -10.66 7.49 -14.07
N ALA A 33 -11.19 7.52 -12.85
CA ALA A 33 -12.30 8.41 -12.51
C ALA A 33 -11.86 9.76 -11.92
N LEU A 34 -10.56 9.97 -11.70
CA LEU A 34 -10.05 11.26 -11.22
C LEU A 34 -10.29 12.42 -12.19
N ASP A 35 -10.64 13.57 -11.60
CA ASP A 35 -10.96 14.80 -12.33
C ASP A 35 -9.75 15.50 -12.92
N GLY A 36 -9.94 16.01 -14.14
CA GLY A 36 -9.01 16.90 -14.80
C GLY A 36 -7.58 16.38 -14.84
N GLU A 37 -6.63 17.26 -14.53
CA GLU A 37 -5.19 16.99 -14.59
C GLU A 37 -4.68 15.91 -13.63
N MET A 38 -5.46 15.62 -12.59
CA MET A 38 -5.10 14.56 -11.66
C MET A 38 -5.03 13.19 -12.30
N ARG A 39 -5.91 12.92 -13.26
CA ARG A 39 -6.01 11.62 -13.88
C ARG A 39 -4.66 11.16 -14.48
N ASN A 40 -4.13 11.94 -15.41
CA ASN A 40 -2.83 11.64 -16.03
C ASN A 40 -1.70 11.64 -15.01
N ALA A 41 -1.65 12.62 -14.11
CA ALA A 41 -0.56 12.68 -13.13
C ALA A 41 -0.48 11.39 -12.32
N VAL A 42 -1.63 10.91 -11.88
CA VAL A 42 -1.71 9.72 -11.05
C VAL A 42 -1.56 8.44 -11.86
N CYS A 43 -2.09 8.41 -13.07
CA CYS A 43 -1.78 7.25 -13.91
C CYS A 43 -0.27 7.03 -14.05
N ILE A 44 0.45 8.12 -14.32
CA ILE A 44 1.89 8.01 -14.56
C ILE A 44 2.64 7.73 -13.26
N PHE A 45 2.21 8.36 -12.18
CA PHE A 45 2.81 8.11 -10.88
C PHE A 45 2.76 6.61 -10.59
N TYR A 46 1.59 6.03 -10.82
CA TYR A 46 1.39 4.61 -10.65
C TYR A 46 2.35 3.77 -11.48
N LEU A 47 2.41 4.03 -12.79
CA LEU A 47 3.24 3.21 -13.67
C LEU A 47 4.73 3.29 -13.34
N VAL A 48 5.21 4.49 -13.05
CA VAL A 48 6.59 4.71 -12.64
C VAL A 48 6.93 3.85 -11.43
N LEU A 49 6.12 3.93 -10.39
CA LEU A 49 6.34 3.14 -9.17
C LEU A 49 6.14 1.64 -9.38
N ARG A 50 5.25 1.29 -10.29
CA ARG A 50 5.04 -0.11 -10.59
C ARG A 50 6.28 -0.70 -11.28
N ALA A 51 6.91 0.06 -12.18
CA ALA A 51 8.18 -0.36 -12.78
C ALA A 51 9.29 -0.50 -11.74
N LEU A 52 9.35 0.47 -10.85
CA LEU A 52 10.35 0.42 -9.79
C LEU A 52 10.18 -0.87 -8.98
N ASP A 53 8.95 -1.13 -8.55
CA ASP A 53 8.63 -2.32 -7.78
C ASP A 53 8.95 -3.64 -8.48
N THR A 54 8.72 -3.68 -9.79
CA THR A 54 8.99 -4.85 -10.63
C THR A 54 10.49 -5.18 -10.59
N LEU A 55 11.31 -4.14 -10.56
CA LEU A 55 12.75 -4.32 -10.42
C LEU A 55 13.08 -4.86 -9.03
N GLU A 56 12.60 -4.15 -8.01
CA GLU A 56 12.81 -4.56 -6.62
C GLU A 56 12.38 -6.01 -6.35
N ASP A 57 11.26 -6.43 -6.92
CA ASP A 57 10.69 -7.77 -6.69
C ASP A 57 11.50 -8.91 -7.30
N ASP A 58 12.35 -8.58 -8.25
CA ASP A 58 12.94 -9.56 -9.17
C ASP A 58 14.17 -10.19 -8.52
N MET A 59 14.03 -11.46 -8.16
CA MET A 59 15.12 -12.13 -7.46
C MET A 59 16.14 -12.77 -8.40
N THR A 60 15.95 -12.62 -9.70
CA THR A 60 16.98 -12.97 -10.68
C THR A 60 17.98 -11.84 -10.90
N ILE A 61 17.74 -10.68 -10.28
CA ILE A 61 18.69 -9.56 -10.30
C ILE A 61 19.47 -9.57 -8.99
N SER A 62 20.79 -9.70 -9.06
CA SER A 62 21.56 -9.86 -7.83
C SER A 62 21.54 -8.55 -7.07
N VAL A 63 21.78 -8.61 -5.76
CA VAL A 63 21.76 -7.38 -4.97
C VAL A 63 22.70 -6.34 -5.57
N GLU A 64 23.95 -6.71 -5.85
CA GLU A 64 24.93 -5.75 -6.36
C GLU A 64 24.51 -5.05 -7.65
N LYS A 65 23.81 -5.75 -8.54
CA LYS A 65 23.24 -5.17 -9.75
C LYS A 65 21.96 -4.36 -9.51
N LYS A 66 21.16 -4.81 -8.54
CA LYS A 66 19.90 -4.20 -8.17
C LYS A 66 20.09 -2.83 -7.52
N VAL A 67 21.13 -2.67 -6.70
CA VAL A 67 21.30 -1.43 -5.93
C VAL A 67 21.38 -0.17 -6.81
N PRO A 68 22.29 -0.13 -7.82
CA PRO A 68 22.26 1.00 -8.75
C PRO A 68 20.93 1.20 -9.49
N LEU A 69 20.26 0.14 -9.92
CA LEU A 69 18.99 0.30 -10.63
C LEU A 69 17.92 1.01 -9.80
N LEU A 70 17.87 0.70 -8.51
CA LEU A 70 16.94 1.33 -7.56
C LEU A 70 17.33 2.76 -7.23
N HIS A 71 18.60 2.97 -6.91
CA HIS A 71 19.12 4.32 -6.66
C HIS A 71 18.95 5.29 -7.83
N ASN A 72 19.15 4.79 -9.05
CA ASN A 72 19.22 5.67 -10.21
C ASN A 72 17.90 5.76 -10.97
N PHE A 73 16.90 5.03 -10.48
CA PHE A 73 15.63 4.92 -11.18
C PHE A 73 15.00 6.27 -11.48
N HIS A 74 15.03 7.16 -10.48
CA HIS A 74 14.48 8.52 -10.65
C HIS A 74 15.08 9.20 -11.89
N SER A 75 16.36 8.97 -12.15
CA SER A 75 17.04 9.62 -13.26
C SER A 75 16.67 9.02 -14.60
N PHE A 76 16.21 7.77 -14.65
CA PHE A 76 15.79 7.14 -15.90
C PHE A 76 14.56 7.80 -16.53
N LEU A 77 13.75 8.43 -15.71
CA LEU A 77 12.60 9.22 -16.15
C LEU A 77 12.97 10.33 -17.14
N TYR A 78 14.24 10.75 -17.16
CA TYR A 78 14.65 11.82 -18.04
C TYR A 78 15.65 11.33 -19.09
N GLN A 79 15.78 10.01 -19.21
CA GLN A 79 16.62 9.41 -20.24
C GLN A 79 15.65 8.73 -21.18
N PRO A 80 15.35 9.35 -22.33
CA PRO A 80 14.23 8.89 -23.17
C PRO A 80 14.37 7.51 -23.79
N ASP A 81 15.57 6.94 -23.75
CA ASP A 81 15.78 5.59 -24.25
C ASP A 81 16.02 4.55 -23.15
N TRP A 82 15.91 4.93 -21.87
CA TRP A 82 16.12 3.94 -20.83
C TRP A 82 15.00 2.90 -20.80
N ARG A 83 15.42 1.64 -20.76
CA ARG A 83 14.55 0.49 -20.58
C ARG A 83 15.36 -0.63 -19.91
N PHE A 84 14.70 -1.66 -19.41
CA PHE A 84 15.39 -2.79 -18.79
C PHE A 84 14.89 -4.08 -19.44
N MET A 85 15.80 -4.88 -19.96
CA MET A 85 15.43 -6.03 -20.79
C MET A 85 15.60 -7.39 -20.11
N GLU A 86 16.10 -7.38 -18.88
CA GLU A 86 16.43 -8.61 -18.16
C GLU A 86 15.40 -9.05 -17.13
N SER A 87 14.25 -8.39 -17.07
CA SER A 87 13.26 -8.74 -16.06
C SER A 87 12.57 -10.05 -16.41
N LYS A 88 12.39 -10.89 -15.40
CA LYS A 88 11.67 -12.16 -15.58
C LYS A 88 10.33 -12.07 -14.85
N GLU A 89 9.95 -10.85 -14.45
CA GLU A 89 8.70 -10.64 -13.74
C GLU A 89 7.51 -10.58 -14.69
N LYS A 90 6.33 -10.87 -14.16
CA LYS A 90 5.08 -10.78 -14.91
C LYS A 90 4.82 -9.40 -15.56
N ASP A 91 5.09 -8.32 -14.81
CA ASP A 91 4.83 -6.96 -15.30
C ASP A 91 6.01 -6.36 -16.09
N ARG A 92 6.83 -7.21 -16.68
CA ARG A 92 8.07 -6.74 -17.33
C ARG A 92 7.84 -5.76 -18.51
N GLN A 93 6.70 -5.88 -19.18
CA GLN A 93 6.40 -4.95 -20.27
C GLN A 93 6.61 -3.50 -19.85
N VAL A 94 6.21 -3.18 -18.62
CA VAL A 94 6.34 -1.86 -18.03
C VAL A 94 7.81 -1.39 -18.04
N LEU A 95 8.73 -2.32 -17.83
CA LEU A 95 10.16 -2.06 -17.96
C LEU A 95 10.74 -2.08 -19.38
N GLU A 96 10.26 -2.98 -20.23
CA GLU A 96 10.70 -3.08 -21.63
C GLU A 96 10.21 -1.92 -22.51
N ASP A 97 9.02 -1.41 -22.20
CA ASP A 97 8.52 -0.20 -22.85
C ASP A 97 8.50 1.00 -21.89
N PHE A 98 9.52 1.14 -21.05
CA PHE A 98 9.56 2.28 -20.14
C PHE A 98 9.60 3.63 -20.87
N PRO A 99 10.32 3.72 -22.00
CA PRO A 99 10.30 4.96 -22.81
C PRO A 99 8.93 5.56 -23.09
N THR A 100 7.90 4.72 -23.25
CA THR A 100 6.55 5.22 -23.43
C THR A 100 6.03 5.88 -22.18
N ILE A 101 6.27 5.24 -21.05
CA ILE A 101 5.89 5.79 -19.74
C ILE A 101 6.65 7.06 -19.42
N SER A 102 7.93 7.08 -19.75
CA SER A 102 8.74 8.25 -19.39
C SER A 102 8.44 9.42 -20.33
N LEU A 103 8.05 9.13 -21.57
CA LEU A 103 7.61 10.18 -22.49
C LEU A 103 6.36 10.88 -21.95
N GLU A 104 5.36 10.10 -21.53
CA GLU A 104 4.16 10.69 -20.93
C GLU A 104 4.43 11.44 -19.62
N PHE A 105 5.38 10.98 -18.83
CA PHE A 105 5.82 11.66 -17.60
C PHE A 105 6.41 13.03 -17.91
N ARG A 106 7.23 13.10 -18.95
CA ARG A 106 7.84 14.36 -19.37
C ARG A 106 6.81 15.30 -20.02
N ASN A 107 5.70 14.74 -20.50
CA ASN A 107 4.52 15.51 -20.92
C ASN A 107 3.69 16.12 -19.78
N LEU A 108 3.90 15.69 -18.53
CA LEU A 108 3.14 16.24 -17.42
C LEU A 108 3.68 17.63 -17.06
N ALA A 109 2.83 18.48 -16.49
CA ALA A 109 3.31 19.74 -15.94
C ALA A 109 4.48 19.54 -14.96
N GLU A 110 5.42 20.48 -14.97
CA GLU A 110 6.58 20.40 -14.10
C GLU A 110 6.20 20.08 -12.66
N LYS A 111 5.10 20.68 -12.16
CA LYS A 111 4.78 20.56 -10.74
C LYS A 111 4.46 19.12 -10.32
N TYR A 112 3.92 18.34 -11.26
CA TYR A 112 3.68 16.92 -11.08
C TYR A 112 4.99 16.14 -11.24
N GLN A 113 5.84 16.54 -12.19
CA GLN A 113 7.06 15.80 -12.48
C GLN A 113 7.95 15.78 -11.24
N THR A 114 8.12 16.96 -10.67
CA THR A 114 8.91 17.14 -9.45
C THR A 114 8.53 16.18 -8.31
N VAL A 115 7.24 16.13 -7.96
CA VAL A 115 6.74 15.26 -6.91
C VAL A 115 7.03 13.79 -7.22
N ILE A 116 6.73 13.38 -8.45
CA ILE A 116 6.89 11.99 -8.85
C ILE A 116 8.36 11.56 -8.83
N ALA A 117 9.24 12.37 -9.42
CA ALA A 117 10.67 12.08 -9.42
C ALA A 117 11.21 12.05 -7.99
N ASP A 118 10.74 12.96 -7.14
CA ASP A 118 11.24 13.02 -5.77
C ASP A 118 10.87 11.74 -5.01
N ILE A 119 9.65 11.27 -5.24
CA ILE A 119 9.16 10.04 -4.60
C ILE A 119 9.92 8.83 -5.14
N CYS A 120 10.08 8.71 -6.46
CA CYS A 120 10.95 7.67 -7.04
C CYS A 120 12.36 7.60 -6.46
N ARG A 121 12.99 8.76 -6.29
CA ARG A 121 14.33 8.80 -5.71
C ARG A 121 14.37 8.26 -4.28
N ARG A 122 13.43 8.71 -3.45
CA ARG A 122 13.41 8.33 -2.03
C ARG A 122 12.99 6.87 -1.83
N MET A 123 12.06 6.41 -2.65
CA MET A 123 11.63 5.03 -2.52
C MET A 123 12.77 4.10 -2.95
N GLY A 124 13.50 4.49 -3.99
CA GLY A 124 14.64 3.71 -4.48
C GLY A 124 15.73 3.51 -3.43
N ILE A 125 16.04 4.59 -2.72
CA ILE A 125 17.02 4.53 -1.65
C ILE A 125 16.55 3.58 -0.56
N GLY A 126 15.28 3.70 -0.18
CA GLY A 126 14.73 2.88 0.87
C GLY A 126 14.60 1.41 0.50
N MET A 127 14.10 1.15 -0.71
CA MET A 127 14.14 -0.22 -1.21
C MET A 127 15.55 -0.82 -1.20
N ALA A 128 16.54 -0.09 -1.72
CA ALA A 128 17.94 -0.54 -1.71
C ALA A 128 18.43 -0.93 -0.30
N GLU A 129 18.06 -0.13 0.70
CA GLU A 129 18.44 -0.32 2.10
C GLU A 129 17.92 -1.64 2.67
N PHE A 130 16.76 -2.10 2.23
CA PHE A 130 16.19 -3.34 2.74
C PHE A 130 16.59 -4.59 1.92
N LEU A 131 17.52 -4.45 1.00
CA LEU A 131 17.99 -5.60 0.25
C LEU A 131 18.91 -6.55 1.04
N ASP A 132 19.57 -6.10 2.10
CA ASP A 132 20.49 -6.97 2.82
C ASP A 132 20.10 -7.18 4.28
N LYS A 133 18.82 -7.00 4.55
CA LYS A 133 18.24 -7.20 5.87
C LYS A 133 16.76 -7.57 5.71
N HIS A 134 16.20 -8.14 6.77
CA HIS A 134 14.75 -8.31 6.85
C HIS A 134 14.24 -7.23 7.81
N VAL A 135 12.96 -7.32 8.15
CA VAL A 135 12.39 -6.42 9.15
C VAL A 135 12.60 -7.03 10.52
N THR A 136 13.27 -6.28 11.40
CA THR A 136 13.51 -6.73 12.77
C THR A 136 12.44 -6.18 13.72
N SER A 137 12.62 -4.93 14.13
CA SER A 137 11.72 -4.27 15.08
C SER A 137 10.43 -3.72 14.45
N GLU A 138 9.48 -3.38 15.31
CA GLU A 138 8.26 -2.71 14.88
C GLU A 138 8.57 -1.34 14.29
N GLN A 139 9.58 -0.65 14.83
CA GLN A 139 10.06 0.59 14.25
C GLN A 139 10.58 0.36 12.83
N GLU A 140 11.33 -0.73 12.65
CA GLU A 140 11.85 -1.04 11.32
C GLU A 140 10.73 -1.45 10.35
N TRP A 141 9.67 -2.04 10.90
CA TRP A 141 8.48 -2.33 10.09
C TRP A 141 7.87 -1.02 9.56
N ASP A 142 7.74 -0.04 10.44
CA ASP A 142 7.23 1.28 10.05
C ASP A 142 8.10 1.90 8.96
N LYS A 143 9.43 1.79 9.11
CA LYS A 143 10.39 2.28 8.14
C LYS A 143 10.22 1.57 6.80
N TYR A 144 10.25 0.24 6.80
CA TYR A 144 10.02 -0.47 5.55
C TYR A 144 8.74 0.03 4.88
N CYS A 145 7.65 0.11 5.64
CA CYS A 145 6.34 0.47 5.08
C CYS A 145 6.32 1.92 4.56
N HIS A 146 7.02 2.81 5.25
CA HIS A 146 7.19 4.16 4.72
C HIS A 146 7.86 4.18 3.34
N TYR A 147 8.90 3.36 3.16
CA TYR A 147 9.61 3.33 1.88
C TYR A 147 8.75 2.81 0.74
N VAL A 148 7.94 1.78 1.01
CA VAL A 148 7.18 1.18 -0.09
C VAL A 148 5.72 1.62 -0.25
N ALA A 149 5.22 2.42 0.70
CA ALA A 149 3.79 2.72 0.80
C ALA A 149 3.50 4.08 1.39
N GLY A 150 4.14 4.40 2.50
CA GLY A 150 3.99 5.73 3.07
C GLY A 150 4.30 6.79 2.04
N LEU A 151 5.40 6.62 1.32
CA LEU A 151 5.86 7.58 0.30
C LEU A 151 4.92 7.69 -0.89
N VAL A 152 4.19 6.62 -1.19
CA VAL A 152 3.13 6.70 -2.19
C VAL A 152 2.02 7.65 -1.68
N GLY A 153 1.66 7.53 -0.41
CA GLY A 153 0.65 8.40 0.18
C GLY A 153 1.07 9.85 0.19
N ILE A 154 2.32 10.08 0.57
CA ILE A 154 2.88 11.43 0.53
C ILE A 154 2.89 11.98 -0.91
N GLY A 155 3.25 11.11 -1.86
CA GLY A 155 3.27 11.43 -3.28
C GLY A 155 1.89 11.80 -3.80
N LEU A 156 0.92 10.92 -3.58
CA LEU A 156 -0.46 11.22 -3.97
C LEU A 156 -0.95 12.53 -3.35
N SER A 157 -0.67 12.72 -2.08
CA SER A 157 -1.12 13.91 -1.37
C SER A 157 -0.59 15.20 -2.00
N ARG A 158 0.68 15.16 -2.38
CA ARG A 158 1.33 16.33 -2.96
C ARG A 158 0.82 16.58 -4.36
N LEU A 159 0.49 15.51 -5.08
CA LEU A 159 -0.15 15.70 -6.38
C LEU A 159 -1.54 16.33 -6.24
N PHE A 160 -2.34 15.86 -5.30
CA PHE A 160 -3.70 16.39 -5.09
C PHE A 160 -3.64 17.90 -4.80
N SER A 161 -2.74 18.26 -3.90
CA SER A 161 -2.47 19.66 -3.60
C SER A 161 -1.95 20.48 -4.78
N ALA A 162 -1.08 19.90 -5.61
CA ALA A 162 -0.47 20.63 -6.73
C ALA A 162 -1.50 20.97 -7.79
N SER A 163 -2.45 20.05 -7.97
CA SER A 163 -3.55 20.24 -8.90
C SER A 163 -4.52 21.33 -8.44
N GLU A 164 -4.52 21.62 -7.13
CA GLU A 164 -5.42 22.61 -6.53
C GLU A 164 -6.87 22.14 -6.36
N PHE A 165 -7.17 20.88 -6.68
CA PHE A 165 -8.46 20.31 -6.27
C PHE A 165 -8.57 20.14 -4.75
N GLU A 166 -7.44 20.12 -4.05
CA GLU A 166 -7.41 19.99 -2.60
C GLU A 166 -6.59 21.12 -2.00
N ASP A 167 -6.81 21.39 -0.71
CA ASP A 167 -6.07 22.43 0.02
C ASP A 167 -4.59 22.08 0.18
N PRO A 168 -3.74 23.11 0.35
CA PRO A 168 -2.32 22.80 0.53
C PRO A 168 -2.09 21.82 1.70
N LEU A 169 -2.95 21.86 2.71
CA LEU A 169 -2.75 21.07 3.94
C LEU A 169 -2.60 19.58 3.64
N VAL A 170 -3.33 19.10 2.64
CA VAL A 170 -3.30 17.69 2.29
C VAL A 170 -1.88 17.25 1.92
N GLY A 171 -1.19 18.05 1.12
CA GLY A 171 0.16 17.72 0.70
C GLY A 171 1.20 18.01 1.77
N GLU A 172 0.92 18.99 2.62
CA GLU A 172 1.82 19.40 3.72
C GLU A 172 1.88 18.41 4.87
N ASP A 173 0.76 17.79 5.21
CA ASP A 173 0.73 16.86 6.33
C ASP A 173 1.26 15.47 5.98
N THR A 174 2.58 15.33 6.00
CA THR A 174 3.26 14.10 5.61
C THR A 174 3.02 12.93 6.57
N GLU A 175 2.91 13.19 7.88
CA GLU A 175 2.55 12.12 8.82
C GLU A 175 1.20 11.49 8.52
N ARG A 176 0.18 12.31 8.28
CA ARG A 176 -1.15 11.77 7.99
C ARG A 176 -1.18 10.97 6.70
N ALA A 177 -0.50 11.50 5.67
CA ALA A 177 -0.39 10.80 4.41
C ALA A 177 0.42 9.50 4.53
N ASN A 178 1.48 9.54 5.33
CA ASN A 178 2.31 8.36 5.61
C ASN A 178 1.50 7.22 6.26
N SER A 179 0.61 7.56 7.20
CA SER A 179 -0.24 6.62 7.92
C SER A 179 -1.21 5.93 6.99
N MET A 180 -1.74 6.68 6.02
CA MET A 180 -2.63 6.14 5.00
C MET A 180 -1.98 4.98 4.26
N GLY A 181 -0.74 5.18 3.80
CA GLY A 181 0.07 4.16 3.16
C GLY A 181 0.42 3.01 4.08
N LEU A 182 0.80 3.33 5.32
CA LEU A 182 1.16 2.29 6.28
C LEU A 182 -0.03 1.38 6.54
N PHE A 183 -1.23 1.95 6.59
CA PHE A 183 -2.38 1.13 6.91
C PHE A 183 -2.67 0.14 5.80
N LEU A 184 -2.57 0.61 4.56
CA LEU A 184 -2.78 -0.28 3.41
C LEU A 184 -1.71 -1.37 3.35
N GLN A 185 -0.46 -0.98 3.61
CA GLN A 185 0.67 -1.89 3.42
C GLN A 185 0.72 -2.99 4.48
N LYS A 186 0.53 -2.63 5.74
CA LYS A 186 0.50 -3.60 6.82
C LYS A 186 -0.64 -4.60 6.63
N THR A 187 -1.79 -4.10 6.18
CA THR A 187 -2.94 -4.94 5.91
C THR A 187 -2.57 -6.01 4.89
N ASN A 188 -1.98 -5.61 3.76
CA ASN A 188 -1.52 -6.52 2.70
C ASN A 188 -0.51 -7.56 3.20
N ILE A 189 0.47 -7.07 3.96
CA ILE A 189 1.54 -7.90 4.48
C ILE A 189 0.98 -8.93 5.45
N ILE A 190 0.03 -8.49 6.28
CA ILE A 190 -0.60 -9.35 7.27
C ILE A 190 -1.37 -10.43 6.52
N ARG A 191 -2.21 -10.01 5.59
CA ARG A 191 -3.08 -10.92 4.84
C ARG A 191 -2.32 -11.91 3.93
N ASP A 192 -1.20 -11.46 3.38
CA ASP A 192 -0.45 -12.25 2.42
C ASP A 192 0.68 -13.11 3.01
N TYR A 193 0.65 -13.33 4.32
CA TYR A 193 1.60 -14.22 5.00
C TYR A 193 1.98 -15.45 4.16
N LEU A 194 1.01 -16.23 3.71
CA LEU A 194 1.33 -17.53 3.13
C LEU A 194 1.90 -17.41 1.72
N GLU A 195 1.27 -16.58 0.90
CA GLU A 195 1.72 -16.32 -0.47
C GLU A 195 3.18 -15.87 -0.43
N ASP A 196 3.51 -14.97 0.50
CA ASP A 196 4.89 -14.52 0.70
C ASP A 196 5.82 -15.62 1.19
N GLN A 197 5.38 -16.42 2.16
CA GLN A 197 6.16 -17.56 2.63
C GLN A 197 6.44 -18.55 1.48
N GLN A 198 5.46 -18.75 0.61
CA GLN A 198 5.64 -19.68 -0.51
C GLN A 198 6.60 -19.17 -1.58
N GLY A 199 6.71 -17.85 -1.72
CA GLY A 199 7.66 -17.22 -2.63
C GLY A 199 8.96 -16.78 -1.98
N GLY A 200 9.24 -17.26 -0.77
CA GLY A 200 10.51 -17.00 -0.12
C GLY A 200 10.68 -15.58 0.40
N ARG A 201 9.58 -14.88 0.65
CA ARG A 201 9.62 -13.50 1.12
C ARG A 201 9.22 -13.45 2.59
N GLU A 202 9.79 -12.52 3.36
CA GLU A 202 9.52 -12.43 4.79
C GLU A 202 9.33 -10.98 5.23
N PHE A 203 8.08 -10.59 5.50
CA PHE A 203 7.77 -9.19 5.76
C PHE A 203 7.26 -8.90 7.19
N TRP A 204 6.83 -9.93 7.92
CA TRP A 204 6.43 -9.77 9.33
C TRP A 204 7.68 -9.43 10.16
N PRO A 205 7.54 -8.53 11.15
CA PRO A 205 8.72 -8.14 11.93
C PRO A 205 9.27 -9.22 12.88
N GLN A 206 10.59 -9.39 12.82
CA GLN A 206 11.31 -10.50 13.44
C GLN A 206 11.16 -10.47 14.95
N GLU A 207 11.21 -9.26 15.52
CA GLU A 207 11.08 -9.05 16.96
C GLU A 207 9.69 -9.42 17.51
N VAL A 208 8.71 -9.43 16.61
CA VAL A 208 7.36 -9.85 16.98
C VAL A 208 7.23 -11.36 16.79
N TRP A 209 7.46 -11.88 15.58
CA TRP A 209 7.23 -13.29 15.35
C TRP A 209 8.17 -14.20 16.15
N SER A 210 9.35 -13.69 16.49
CA SER A 210 10.35 -14.50 17.18
C SER A 210 9.95 -14.81 18.62
N ARG A 211 9.00 -14.06 19.17
CA ARG A 211 8.47 -14.36 20.50
C ARG A 211 7.53 -15.56 20.48
N TYR A 212 7.21 -16.09 19.30
CA TYR A 212 6.25 -17.18 19.14
C TYR A 212 6.91 -18.44 18.57
N VAL A 213 7.72 -18.26 17.53
CA VAL A 213 8.36 -19.38 16.82
C VAL A 213 9.81 -19.02 16.48
N LYS A 214 10.57 -20.05 16.08
CA LYS A 214 12.00 -19.89 15.80
C LYS A 214 12.27 -19.42 14.37
N LYS A 215 11.38 -19.79 13.45
CA LYS A 215 11.41 -19.32 12.07
C LYS A 215 10.02 -18.88 11.63
N LEU A 216 9.92 -17.76 10.90
CA LEU A 216 8.63 -17.28 10.39
C LEU A 216 7.79 -18.34 9.67
N GLY A 217 8.42 -19.16 8.84
CA GLY A 217 7.70 -20.20 8.11
C GLY A 217 7.03 -21.22 9.01
N ASP A 218 7.42 -21.23 10.28
CA ASP A 218 6.84 -22.21 11.22
C ASP A 218 5.35 -21.97 11.47
N PHE A 219 4.88 -20.75 11.17
CA PHE A 219 3.45 -20.44 11.27
C PHE A 219 2.63 -21.13 10.18
N ALA A 220 3.30 -21.68 9.17
CA ALA A 220 2.62 -22.41 8.10
C ALA A 220 2.37 -23.84 8.54
N LYS A 221 2.92 -24.24 9.68
CA LYS A 221 2.75 -25.63 10.14
C LYS A 221 1.52 -25.70 11.05
N PRO A 222 0.58 -26.60 10.73
CA PRO A 222 -0.69 -26.76 11.45
C PRO A 222 -0.54 -26.91 12.96
N GLU A 223 0.53 -27.56 13.40
CA GLU A 223 0.76 -27.72 14.83
C GLU A 223 1.00 -26.38 15.54
N ASN A 224 1.36 -25.34 14.78
CA ASN A 224 1.73 -24.04 15.35
C ASN A 224 0.64 -22.97 15.25
N ILE A 225 -0.57 -23.38 14.92
CA ILE A 225 -1.68 -22.47 14.64
C ILE A 225 -2.08 -21.56 15.82
N ASP A 226 -2.02 -22.06 17.06
CA ASP A 226 -2.47 -21.22 18.16
C ASP A 226 -1.52 -20.04 18.31
N LEU A 227 -0.23 -20.32 18.18
CA LEU A 227 0.79 -19.27 18.25
C LEU A 227 0.71 -18.33 17.06
N ALA A 228 0.51 -18.87 15.86
CA ALA A 228 0.35 -18.07 14.66
C ALA A 228 -0.79 -17.05 14.81
N VAL A 229 -1.95 -17.50 15.27
CA VAL A 229 -3.12 -16.64 15.42
C VAL A 229 -2.90 -15.56 16.49
N GLN A 230 -2.20 -15.94 17.56
CA GLN A 230 -1.80 -14.92 18.52
C GLN A 230 -0.92 -13.84 17.88
N CYS A 231 0.03 -14.24 17.05
CA CYS A 231 0.91 -13.31 16.38
C CYS A 231 0.14 -12.45 15.38
N LEU A 232 -0.73 -13.09 14.60
CA LEU A 232 -1.67 -12.41 13.74
C LEU A 232 -2.44 -11.31 14.49
N ASN A 233 -2.95 -11.63 15.68
CA ASN A 233 -3.79 -10.68 16.39
C ASN A 233 -2.95 -9.49 16.84
N GLU A 234 -1.71 -9.76 17.25
CA GLU A 234 -0.79 -8.72 17.72
C GLU A 234 -0.38 -7.76 16.58
N LEU A 235 -0.23 -8.30 15.38
CA LEU A 235 0.12 -7.47 14.22
C LEU A 235 -1.08 -6.65 13.72
N ILE A 236 -2.26 -7.27 13.66
CA ILE A 236 -3.48 -6.50 13.36
C ILE A 236 -3.66 -5.33 14.34
N THR A 237 -3.41 -5.58 15.62
CA THR A 237 -3.57 -4.53 16.63
C THR A 237 -2.64 -3.35 16.33
N ASN A 238 -1.46 -3.68 15.83
CA ASN A 238 -0.45 -2.71 15.44
C ASN A 238 -1.03 -1.86 14.29
N ALA A 239 -1.52 -2.52 13.24
CA ALA A 239 -2.05 -1.80 12.11
C ALA A 239 -3.18 -0.84 12.49
N LEU A 240 -4.03 -1.24 13.44
CA LEU A 240 -5.21 -0.45 13.77
C LEU A 240 -4.91 0.93 14.30
N HIS A 241 -3.68 1.08 14.80
CA HIS A 241 -3.26 2.35 15.37
C HIS A 241 -3.15 3.47 14.33
N HIS A 242 -3.11 3.09 13.05
CA HIS A 242 -3.13 4.08 11.98
C HIS A 242 -4.49 4.65 11.61
N ILE A 243 -5.56 4.09 12.17
CA ILE A 243 -6.92 4.54 11.83
C ILE A 243 -7.31 5.97 12.23
N PRO A 244 -6.92 6.44 13.43
CA PRO A 244 -7.18 7.84 13.72
C PRO A 244 -6.66 8.78 12.63
N ASP A 245 -5.48 8.50 12.09
CA ASP A 245 -4.87 9.34 11.07
C ASP A 245 -5.54 9.17 9.72
N VAL A 246 -5.94 7.95 9.44
CA VAL A 246 -6.77 7.71 8.27
C VAL A 246 -8.04 8.54 8.26
N ILE A 247 -8.74 8.57 9.40
CA ILE A 247 -9.96 9.37 9.54
C ILE A 247 -9.64 10.85 9.37
N THR A 248 -8.57 11.31 9.99
CA THR A 248 -8.19 12.71 9.84
C THR A 248 -7.90 13.05 8.39
N TYR A 249 -7.19 12.18 7.69
CA TYR A 249 -6.79 12.45 6.31
C TYR A 249 -8.04 12.57 5.44
N LEU A 250 -8.88 11.54 5.45
CA LEU A 250 -10.10 11.56 4.65
C LEU A 250 -11.04 12.72 5.01
N SER A 251 -11.04 13.16 6.26
CA SER A 251 -11.92 14.25 6.70
C SER A 251 -11.62 15.60 6.05
N ARG A 252 -10.42 15.72 5.48
CA ARG A 252 -9.96 16.96 4.85
C ARG A 252 -10.20 17.04 3.34
N LEU A 253 -10.57 15.93 2.72
CA LEU A 253 -10.68 15.91 1.27
C LEU A 253 -11.95 16.56 0.74
N ARG A 254 -11.83 17.36 -0.31
CA ARG A 254 -12.93 18.14 -0.87
C ARG A 254 -13.46 17.60 -2.18
N ASN A 255 -12.56 17.16 -3.06
CA ASN A 255 -12.99 16.69 -4.36
C ASN A 255 -13.58 15.28 -4.20
N GLN A 256 -14.77 15.09 -4.78
CA GLN A 256 -15.40 13.79 -4.73
C GLN A 256 -14.56 12.66 -5.36
N SER A 257 -14.03 12.86 -6.56
CA SER A 257 -13.17 11.86 -7.20
C SER A 257 -11.92 11.52 -6.38
N VAL A 258 -11.36 12.52 -5.69
CA VAL A 258 -10.23 12.30 -4.80
C VAL A 258 -10.65 11.63 -3.50
N PHE A 259 -11.79 12.03 -2.95
CA PHE A 259 -12.36 11.32 -1.80
C PHE A 259 -12.53 9.83 -2.07
N ASN A 260 -13.21 9.46 -3.16
CA ASN A 260 -13.38 8.07 -3.53
C ASN A 260 -12.09 7.27 -3.74
N ALA A 261 -11.11 7.88 -4.37
CA ALA A 261 -9.84 7.22 -4.67
C ALA A 261 -9.08 6.88 -3.39
N CYS A 262 -9.15 7.78 -2.41
CA CYS A 262 -8.51 7.58 -1.14
C CYS A 262 -9.31 6.67 -0.19
N ALA A 263 -10.64 6.79 -0.18
CA ALA A 263 -11.46 6.12 0.83
C ALA A 263 -11.68 4.65 0.57
N ILE A 264 -11.87 4.30 -0.71
CA ILE A 264 -12.18 2.94 -1.10
C ILE A 264 -11.11 1.93 -0.67
N PRO A 265 -9.84 2.17 -1.04
CA PRO A 265 -8.81 1.26 -0.57
C PRO A 265 -8.68 1.22 0.95
N GLN A 266 -9.03 2.30 1.66
CA GLN A 266 -8.92 2.25 3.11
C GLN A 266 -10.01 1.37 3.70
N VAL A 267 -11.25 1.56 3.27
CA VAL A 267 -12.33 0.75 3.81
C VAL A 267 -12.24 -0.70 3.30
N MET A 268 -11.62 -0.91 2.14
CA MET A 268 -11.34 -2.30 1.75
C MET A 268 -10.31 -2.91 2.69
N ALA A 269 -9.32 -2.14 3.11
CA ALA A 269 -8.31 -2.66 4.02
C ALA A 269 -8.87 -2.88 5.43
N ILE A 270 -9.78 -2.01 5.85
CA ILE A 270 -10.43 -2.17 7.14
C ILE A 270 -11.25 -3.46 7.13
N ALA A 271 -11.99 -3.69 6.05
CA ALA A 271 -12.76 -4.93 5.90
C ALA A 271 -11.90 -6.18 5.89
N THR A 272 -10.71 -6.08 5.30
CA THR A 272 -9.79 -7.21 5.19
C THR A 272 -9.17 -7.51 6.56
N LEU A 273 -8.72 -6.48 7.27
CA LEU A 273 -8.26 -6.65 8.65
C LEU A 273 -9.28 -7.33 9.56
N ALA A 274 -10.55 -6.94 9.49
CA ALA A 274 -11.60 -7.56 10.31
C ALA A 274 -11.83 -9.02 9.89
N ALA A 275 -11.80 -9.30 8.58
CA ALA A 275 -11.93 -10.68 8.12
C ALA A 275 -10.75 -11.56 8.60
N CYS A 276 -9.56 -10.95 8.73
CA CYS A 276 -8.36 -11.68 9.14
C CYS A 276 -8.24 -11.88 10.65
N TYR A 277 -8.91 -11.04 11.45
CA TYR A 277 -8.68 -11.05 12.90
C TYR A 277 -9.07 -12.41 13.50
N ASN A 278 -8.18 -12.94 14.34
CA ASN A 278 -8.39 -14.24 14.98
C ASN A 278 -8.72 -15.37 14.00
N ASN A 279 -8.32 -15.23 12.74
CA ASN A 279 -8.73 -16.17 11.69
C ASN A 279 -7.58 -17.12 11.31
N GLN A 280 -7.74 -18.39 11.67
CA GLN A 280 -6.79 -19.44 11.29
C GLN A 280 -6.56 -19.52 9.78
N GLN A 281 -7.54 -19.08 8.99
CA GLN A 281 -7.46 -19.30 7.53
C GLN A 281 -6.34 -18.48 6.88
N VAL A 282 -5.89 -17.41 7.54
CA VAL A 282 -4.74 -16.63 7.06
C VAL A 282 -3.53 -17.54 6.85
N PHE A 283 -3.42 -18.58 7.68
CA PHE A 283 -2.23 -19.43 7.58
C PHE A 283 -2.38 -20.57 6.59
N LYS A 284 -3.53 -20.67 5.95
CA LYS A 284 -3.81 -21.73 5.00
C LYS A 284 -4.00 -21.24 3.56
N GLY A 285 -4.10 -19.92 3.38
CA GLY A 285 -4.56 -19.39 2.12
C GLY A 285 -4.92 -17.92 2.21
N ALA A 286 -5.49 -17.38 1.13
CA ALA A 286 -5.74 -15.94 1.01
C ALA A 286 -7.16 -15.63 1.47
N VAL A 287 -7.26 -14.85 2.54
CA VAL A 287 -8.53 -14.42 3.11
C VAL A 287 -8.96 -13.13 2.40
N LYS A 288 -10.12 -13.19 1.76
CA LYS A 288 -10.62 -12.02 1.05
C LYS A 288 -12.09 -11.77 1.38
N ILE A 289 -12.46 -10.49 1.44
CA ILE A 289 -13.84 -10.14 1.69
C ILE A 289 -14.67 -10.56 0.47
N ARG A 290 -15.90 -10.98 0.68
CA ARG A 290 -16.70 -11.46 -0.45
C ARG A 290 -16.96 -10.33 -1.45
N LYS A 291 -17.01 -10.69 -2.74
CA LYS A 291 -17.13 -9.72 -3.82
C LYS A 291 -18.42 -8.91 -3.70
N GLY A 292 -19.51 -9.59 -3.37
CA GLY A 292 -20.78 -8.94 -3.07
C GLY A 292 -20.68 -7.84 -2.03
N GLN A 293 -19.86 -8.06 -1.00
CA GLN A 293 -19.65 -7.04 0.02
C GLN A 293 -18.75 -5.91 -0.44
N ALA A 294 -17.73 -6.23 -1.23
CA ALA A 294 -16.86 -5.25 -1.86
C ALA A 294 -17.64 -4.21 -2.66
N VAL A 295 -18.63 -4.67 -3.43
CA VAL A 295 -19.51 -3.80 -4.20
C VAL A 295 -20.29 -2.84 -3.29
N THR A 296 -20.86 -3.36 -2.21
CA THR A 296 -21.62 -2.56 -1.25
C THR A 296 -20.70 -1.51 -0.61
N LEU A 297 -19.48 -1.88 -0.27
CA LEU A 297 -18.54 -0.88 0.27
C LEU A 297 -18.16 0.24 -0.71
N MET A 298 -17.97 -0.10 -1.98
CA MET A 298 -17.63 0.89 -3.01
C MET A 298 -18.77 1.88 -3.22
N MET A 299 -20.00 1.41 -3.10
CA MET A 299 -21.16 2.27 -3.27
C MET A 299 -21.42 3.22 -2.10
N ASP A 300 -21.16 2.76 -0.87
CA ASP A 300 -21.54 3.53 0.32
C ASP A 300 -20.45 4.49 0.78
N ALA A 301 -19.19 4.13 0.54
CA ALA A 301 -18.04 4.94 0.97
C ALA A 301 -17.78 6.19 0.14
N THR A 302 -18.81 7.03 -0.03
CA THR A 302 -18.73 8.23 -0.85
C THR A 302 -18.75 9.52 -0.04
N ASN A 303 -18.86 9.41 1.28
CA ASN A 303 -18.87 10.59 2.16
C ASN A 303 -18.32 10.22 3.53
N MET A 304 -17.88 11.23 4.28
CA MET A 304 -17.21 11.00 5.55
C MET A 304 -18.10 10.27 6.56
N PRO A 305 -19.36 10.68 6.75
CA PRO A 305 -20.11 10.00 7.81
C PRO A 305 -20.35 8.52 7.50
N ALA A 306 -20.56 8.17 6.23
CA ALA A 306 -20.74 6.77 5.85
C ALA A 306 -19.43 5.97 5.97
N VAL A 307 -18.30 6.63 5.74
CA VAL A 307 -17.00 5.99 5.96
C VAL A 307 -16.78 5.68 7.45
N LYS A 308 -16.98 6.69 8.31
CA LYS A 308 -16.94 6.51 9.76
C LYS A 308 -17.83 5.37 10.26
N ALA A 309 -19.07 5.29 9.76
CA ALA A 309 -19.95 4.18 10.08
C ALA A 309 -19.38 2.80 9.74
N ILE A 310 -18.82 2.65 8.54
CA ILE A 310 -18.14 1.42 8.11
C ILE A 310 -16.98 1.10 9.06
N ILE A 311 -16.12 2.08 9.31
CA ILE A 311 -15.02 1.86 10.25
C ILE A 311 -15.51 1.36 11.63
N TYR A 312 -16.49 2.03 12.23
CA TYR A 312 -17.01 1.65 13.54
C TYR A 312 -17.63 0.26 13.55
N GLN A 313 -18.39 -0.05 12.51
CA GLN A 313 -18.93 -1.38 12.24
C GLN A 313 -17.88 -2.49 12.28
N TYR A 314 -16.78 -2.31 11.55
CA TYR A 314 -15.75 -3.34 11.53
C TYR A 314 -14.95 -3.39 12.83
N MET A 315 -14.74 -2.23 13.45
CA MET A 315 -14.14 -2.24 14.79
C MET A 315 -14.95 -3.03 15.81
N GLU A 316 -16.27 -2.82 15.83
CA GLU A 316 -17.16 -3.56 16.75
C GLU A 316 -17.14 -5.06 16.43
N GLU A 317 -17.05 -5.42 15.16
CA GLU A 317 -16.86 -6.82 14.80
C GLU A 317 -15.59 -7.43 15.40
N ILE A 318 -14.48 -6.68 15.33
CA ILE A 318 -13.23 -7.15 15.88
C ILE A 318 -13.37 -7.24 17.39
N TYR A 319 -13.84 -6.15 18.00
CA TYR A 319 -13.94 -6.01 19.45
C TYR A 319 -14.62 -7.21 20.10
N HIS A 320 -15.71 -7.66 19.48
CA HIS A 320 -16.51 -8.73 20.05
C HIS A 320 -15.99 -10.12 19.69
N ARG A 321 -14.87 -10.14 18.97
CA ARG A 321 -14.18 -11.38 18.63
C ARG A 321 -12.84 -11.53 19.33
N ILE A 322 -12.39 -10.52 20.07
CA ILE A 322 -11.21 -10.66 20.92
C ILE A 322 -11.35 -11.86 21.87
N PRO A 323 -10.46 -12.87 21.74
CA PRO A 323 -10.51 -13.98 22.70
C PRO A 323 -10.12 -13.51 24.09
N ASP A 324 -10.79 -14.07 25.10
CA ASP A 324 -10.56 -13.77 26.51
C ASP A 324 -9.07 -13.80 26.85
N SER A 325 -8.39 -14.88 26.44
CA SER A 325 -6.99 -15.06 26.81
C SER A 325 -5.97 -14.47 25.83
N ASP A 326 -6.41 -13.76 24.78
CA ASP A 326 -5.47 -13.20 23.81
C ASP A 326 -4.47 -12.25 24.48
N PRO A 327 -3.16 -12.42 24.24
CA PRO A 327 -2.17 -11.57 24.95
C PRO A 327 -2.16 -10.10 24.53
N SER A 328 -2.77 -9.79 23.39
CA SER A 328 -2.91 -8.41 22.93
C SER A 328 -4.24 -7.77 23.31
N SER A 329 -5.13 -8.53 23.96
CA SER A 329 -6.52 -8.13 24.16
C SER A 329 -6.68 -6.71 24.71
N SER A 330 -5.96 -6.41 25.78
CA SER A 330 -6.05 -5.06 26.34
C SER A 330 -5.66 -3.97 25.34
N LYS A 331 -4.57 -4.19 24.60
CA LYS A 331 -4.13 -3.25 23.56
C LYS A 331 -5.16 -3.09 22.43
N THR A 332 -5.75 -4.20 22.00
CA THR A 332 -6.77 -4.20 20.95
C THR A 332 -8.02 -3.40 21.37
N ARG A 333 -8.46 -3.59 22.61
CA ARG A 333 -9.55 -2.80 23.18
C ARG A 333 -9.22 -1.31 23.27
N GLN A 334 -8.03 -1.00 23.77
CA GLN A 334 -7.58 0.39 23.87
C GLN A 334 -7.61 1.15 22.54
N ILE A 335 -6.91 0.66 21.51
CA ILE A 335 -6.98 1.31 20.20
C ILE A 335 -8.39 1.41 19.62
N ILE A 336 -9.19 0.36 19.75
CA ILE A 336 -10.57 0.42 19.26
C ILE A 336 -11.38 1.52 19.95
N SER A 337 -11.22 1.68 21.26
CA SER A 337 -11.91 2.75 21.98
C SER A 337 -11.53 4.11 21.38
N THR A 338 -10.23 4.34 21.25
CA THR A 338 -9.68 5.57 20.65
C THR A 338 -10.32 5.89 19.30
N ILE A 339 -10.44 4.89 18.44
CA ILE A 339 -11.13 5.06 17.16
C ILE A 339 -12.60 5.47 17.31
N ARG A 340 -13.33 4.80 18.20
CA ARG A 340 -14.76 5.08 18.41
C ARG A 340 -15.05 6.49 18.96
N THR A 341 -14.16 7.04 19.77
CA THR A 341 -14.41 8.31 20.45
C THR A 341 -13.91 9.57 19.73
N GLN A 342 -12.97 9.41 18.81
CA GLN A 342 -12.35 10.52 18.06
C GLN A 342 -13.37 11.48 17.48
MG MG B . 5.44 -6.18 -6.02
MG MG C . 8.32 -4.93 -3.89
CAA PS7 D . -4.65 6.62 -6.55
CAB PS7 D . -5.62 5.17 -4.58
CAC PS7 D . -2.83 9.12 1.08
CAD PS7 D . -4.12 7.68 -0.72
CAE PS7 D . 0.51 5.34 -7.28
CAF PS7 D . -1.92 3.51 -2.43
CAG PS7 D . 1.78 -0.63 -6.78
CAH PS7 D . 0.93 -1.61 -1.18
OAI PS7 D . -3.84 -4.15 -7.61
OAJ PS7 D . -3.79 -4.10 -3.78
OAK PS7 D . -2.21 -2.19 -8.17
OAL PS7 D . -1.30 -4.43 -7.30
OAM PS7 D . -1.61 -5.09 -4.74
CAN PS7 D . -3.50 4.49 -5.73
CAO PS7 D . -2.18 6.72 0.66
CAP PS7 D . 0.91 2.90 -6.50
CAQ PS7 D . -0.20 2.70 -0.73
CAR PS7 D . 2.25 0.26 -4.39
CAS PS7 D . -2.41 4.50 -6.59
CAT PS7 D . -2.17 5.43 0.13
CAU PS7 D . 2.16 2.63 -7.06
CAV PS7 D . -0.23 1.36 -1.12
CAW PS7 D . -1.21 3.94 -5.83
CAX PS7 D . -0.87 5.15 -0.64
CAY PS7 D . 3.03 1.66 -6.25
CAZ PS7 D . -0.22 -2.52 -3.76
CBA PS7 D . 0.98 0.89 -1.90
OBB PS7 D . -1.55 -2.87 -3.37
OBC PS7 D . -2.60 -2.84 -5.72
CBD PS7 D . -4.54 5.40 -5.63
CBE PS7 D . -3.00 7.80 0.33
CBF PS7 D . 0.11 4.03 -6.57
CBG PS7 D . -0.96 3.74 -1.26
CBH PS7 D . 2.33 0.40 -5.77
CBI PS7 D . 1.66 -0.93 -3.62
CBJ PS7 D . 0.14 -1.04 -3.60
CBK PS7 D . 0.89 -0.60 -2.33
PBL PS7 D . -2.48 -3.33 -7.27
PBM PS7 D . -2.48 -3.76 -4.39
#